data_3BVO
#
_entry.id   3BVO
#
_cell.length_a   63.644
_cell.length_b   32.581
_cell.length_c   114.362
_cell.angle_alpha   90.000
_cell.angle_beta   105.240
_cell.angle_gamma   90.000
#
_symmetry.space_group_name_H-M   'P 1 21 1'
#
loop_
_entity.id
_entity.type
_entity.pdbx_description
1 polymer 'Co-chaperone protein HscB, mitochondrial precursor'
2 non-polymer 'ZINC ION'
3 non-polymer 'SULFATE ION'
#
_entity_poly.entity_id   1
_entity_poly.type   'polypeptide(L)'
_entity_poly.pdbx_seq_one_letter_code
;SAASQAGSNYPRCWNCGGPWGPGREDRFFCPQCRALQAPDPTRDYFSL(MSE)DCNRSFRVDTAKLQHRYQQLQRLVHPD
FFSQRSQTEKDFSEKHSTLVNDAYKTLLAPLSRGLYLLKLHGIEIPERTDYE(MSE)DRQFLIEI(MSE)EINEKLAEAE
SEAA(MSE)KEIESIVKAKQKEFTDNVSSAFEQDDFEEAKEILTK(MSE)RYFSNIEEKIKLKKIPL
;
_entity_poly.pdbx_strand_id   A,B
#
loop_
_chem_comp.id
_chem_comp.type
_chem_comp.name
_chem_comp.formula
SO4 non-polymer 'SULFATE ION' 'O4 S -2'
ZN non-polymer 'ZINC ION' 'Zn 2'
#
# COMPACT_ATOMS: atom_id res chain seq x y z
N PRO A 11 -4.16 -7.03 -13.03
CA PRO A 11 -3.17 -6.23 -12.29
C PRO A 11 -2.74 -6.93 -10.99
N ARG A 12 -1.43 -7.10 -10.80
CA ARG A 12 -0.87 -7.91 -9.73
C ARG A 12 0.49 -7.36 -9.31
N CYS A 13 0.96 -7.74 -8.13
CA CYS A 13 2.18 -7.18 -7.59
C CYS A 13 3.42 -7.86 -8.15
N TRP A 14 4.45 -7.08 -8.47
CA TRP A 14 5.66 -7.60 -9.09
C TRP A 14 6.52 -8.43 -8.13
N ASN A 15 6.24 -8.30 -6.83
CA ASN A 15 6.94 -9.06 -5.81
C ASN A 15 6.15 -10.28 -5.32
N CYS A 16 4.90 -10.07 -4.90
CA CYS A 16 4.04 -11.15 -4.39
C CYS A 16 3.31 -11.87 -5.49
N GLY A 17 2.68 -11.10 -6.37
CA GLY A 17 1.61 -11.61 -7.19
C GLY A 17 0.29 -11.27 -6.51
N GLY A 18 0.38 -10.48 -5.45
CA GLY A 18 -0.79 -10.01 -4.71
C GLY A 18 -1.71 -9.22 -5.61
N PRO A 19 -3.01 -9.55 -5.59
CA PRO A 19 -3.96 -8.93 -6.51
C PRO A 19 -4.19 -7.46 -6.17
N TRP A 20 -4.19 -6.61 -7.20
CA TRP A 20 -4.61 -5.21 -7.08
C TRP A 20 -6.11 -5.16 -6.86
N GLY A 21 -6.52 -4.68 -5.70
CA GLY A 21 -7.94 -4.60 -5.36
C GLY A 21 -8.73 -3.71 -6.28
N PRO A 22 -9.88 -4.20 -6.79
CA PRO A 22 -10.81 -3.35 -7.53
C PRO A 22 -11.48 -2.34 -6.60
N GLY A 23 -10.68 -1.41 -6.07
CA GLY A 23 -11.13 -0.44 -5.09
C GLY A 23 -10.54 0.94 -5.36
N ARG A 24 -10.30 1.70 -4.29
CA ARG A 24 -9.89 3.10 -4.44
C ARG A 24 -8.41 3.31 -4.81
N GLU A 25 -8.11 4.52 -5.25
CA GLU A 25 -7.06 4.75 -6.24
C GLU A 25 -5.60 4.61 -5.82
N ASP A 26 -5.18 5.28 -4.73
CA ASP A 26 -3.74 5.39 -4.40
C ASP A 26 -3.02 4.06 -4.18
N ARG A 27 -2.63 3.40 -5.26
CA ARG A 27 -1.98 2.09 -5.19
C ARG A 27 -0.48 2.23 -5.30
N PHE A 28 0.11 2.98 -4.37
CA PHE A 28 1.55 3.17 -4.36
C PHE A 28 2.30 1.96 -3.79
N PHE A 29 1.82 1.44 -2.67
CA PHE A 29 2.53 0.35 -2.02
C PHE A 29 1.69 -0.90 -1.88
N CYS A 30 2.34 -2.05 -2.01
CA CYS A 30 1.67 -3.32 -1.87
C CYS A 30 1.29 -3.58 -0.42
N PRO A 31 0.00 -3.76 -0.15
CA PRO A 31 -0.37 -4.00 1.24
C PRO A 31 0.24 -5.28 1.84
N GLN A 32 0.71 -6.17 0.97
CA GLN A 32 1.12 -7.51 1.38
C GLN A 32 2.61 -7.60 1.63
N CYS A 33 3.39 -6.80 0.90
CA CYS A 33 4.86 -6.88 0.94
C CYS A 33 5.59 -5.50 1.02
N ARG A 34 4.82 -4.42 0.97
CA ARG A 34 5.31 -3.06 1.17
C ARG A 34 6.12 -2.51 -0.01
N ALA A 35 6.24 -3.28 -1.08
CA ALA A 35 6.99 -2.90 -2.28
C ALA A 35 6.31 -1.78 -3.08
N LEU A 36 7.11 -0.89 -3.67
CA LEU A 36 6.57 0.22 -4.45
C LEU A 36 6.12 -0.31 -5.78
N GLN A 37 4.88 -0.02 -6.15
CA GLN A 37 4.27 -0.61 -7.33
C GLN A 37 4.54 0.22 -8.58
N ALA A 38 4.38 -0.44 -9.74
CA ALA A 38 4.43 0.25 -11.02
C ALA A 38 3.30 1.29 -11.09
N PRO A 39 3.58 2.49 -11.61
CA PRO A 39 2.53 3.49 -11.63
C PRO A 39 1.44 3.14 -12.64
N ASP A 40 0.20 3.49 -12.33
CA ASP A 40 -0.92 3.23 -13.22
C ASP A 40 -0.89 4.21 -14.40
N PRO A 41 -0.68 3.69 -15.62
CA PRO A 41 -0.66 4.55 -16.79
C PRO A 41 -1.99 5.24 -17.06
N THR A 42 -3.09 4.60 -16.63
CA THR A 42 -4.43 5.11 -16.91
C THR A 42 -4.87 6.25 -15.98
N ARG A 43 -4.18 6.41 -14.86
CA ARG A 43 -4.51 7.41 -13.86
C ARG A 43 -4.23 8.81 -14.39
N ASP A 44 -5.27 9.65 -14.47
CA ASP A 44 -5.11 11.00 -14.97
C ASP A 44 -4.43 11.88 -13.91
N TYR A 45 -4.03 13.08 -14.32
CA TYR A 45 -3.34 14.00 -13.41
C TYR A 45 -4.21 14.54 -12.27
N PHE A 46 -5.49 14.79 -12.52
CA PHE A 46 -6.35 15.30 -11.46
C PHE A 46 -6.49 14.30 -10.33
N SER A 47 -6.54 13.02 -10.72
CA SER A 47 -6.64 11.94 -9.76
C SER A 47 -5.34 11.85 -8.97
N LEU A 48 -4.22 11.86 -9.69
CA LEU A 48 -2.91 11.73 -9.07
C LEU A 48 -2.66 12.89 -8.13
N MSE A 49 -3.22 14.05 -8.45
CA MSE A 49 -3.04 15.20 -7.60
C MSE A 49 -4.19 15.36 -6.63
O MSE A 49 -4.28 16.37 -5.93
CB MSE A 49 -2.85 16.46 -8.45
CG MSE A 49 -1.48 16.50 -9.12
SE MSE A 49 0.00 16.62 -7.82
CE MSE A 49 1.18 15.32 -8.63
N ASP A 50 -5.04 14.33 -6.58
CA ASP A 50 -6.18 14.26 -5.67
C ASP A 50 -7.12 15.47 -5.70
N CYS A 51 -7.72 15.74 -6.86
CA CYS A 51 -8.73 16.79 -7.00
C CYS A 51 -9.66 16.51 -8.19
N ASN A 52 -10.80 17.20 -8.26
CA ASN A 52 -11.76 16.96 -9.33
C ASN A 52 -11.29 17.43 -10.71
N ARG A 53 -11.64 16.69 -11.75
CA ARG A 53 -11.50 17.20 -13.09
C ARG A 53 -12.25 18.54 -13.15
N SER A 54 -11.48 19.63 -13.16
CA SER A 54 -12.05 20.98 -13.14
C SER A 54 -10.99 21.98 -13.58
N PHE A 55 -11.37 23.01 -14.33
CA PHE A 55 -10.42 24.06 -14.69
C PHE A 55 -9.97 24.81 -13.43
N ARG A 56 -10.87 24.81 -12.45
CA ARG A 56 -10.66 25.42 -11.17
C ARG A 56 -9.87 24.46 -10.29
N VAL A 57 -8.76 24.95 -9.73
CA VAL A 57 -7.80 24.13 -8.98
C VAL A 57 -7.13 24.91 -7.86
N ASP A 58 -7.26 24.42 -6.63
CA ASP A 58 -6.61 25.04 -5.48
C ASP A 58 -5.10 24.77 -5.44
N THR A 59 -4.33 25.81 -5.79
CA THR A 59 -2.88 25.69 -5.98
C THR A 59 -2.09 25.55 -4.68
N ALA A 60 -2.67 25.98 -3.56
CA ALA A 60 -2.08 25.70 -2.25
C ALA A 60 -2.20 24.21 -1.90
N LYS A 61 -3.38 23.64 -2.16
CA LYS A 61 -3.62 22.23 -1.94
C LYS A 61 -2.72 21.41 -2.87
N LEU A 62 -2.71 21.81 -4.13
CA LEU A 62 -1.93 21.14 -5.16
C LEU A 62 -0.48 20.97 -4.75
N GLN A 63 0.10 22.07 -4.29
CA GLN A 63 1.49 22.14 -3.86
C GLN A 63 1.74 21.21 -2.67
N HIS A 64 0.75 21.14 -1.78
CA HIS A 64 0.77 20.23 -0.63
C HIS A 64 0.80 18.75 -1.06
N ARG A 65 -0.11 18.38 -1.96
CA ARG A 65 -0.14 17.03 -2.52
C ARG A 65 1.22 16.73 -3.09
N TYR A 66 1.71 17.64 -3.94
CA TYR A 66 3.00 17.48 -4.59
C TYR A 66 4.07 17.04 -3.58
N GLN A 67 4.03 17.65 -2.40
CA GLN A 67 4.97 17.27 -1.34
C GLN A 67 4.70 15.89 -0.75
N GLN A 68 3.46 15.64 -0.31
CA GLN A 68 3.10 14.32 0.24
C GLN A 68 3.67 13.22 -0.64
N LEU A 69 3.41 13.33 -1.94
CA LEU A 69 3.78 12.27 -2.87
C LEU A 69 5.28 12.21 -3.03
N GLN A 70 5.92 13.38 -3.08
CA GLN A 70 7.36 13.43 -3.30
C GLN A 70 8.11 12.91 -2.07
N ARG A 71 7.40 12.89 -0.94
CA ARG A 71 7.91 12.28 0.28
C ARG A 71 7.92 10.75 0.12
N LEU A 72 7.02 10.23 -0.72
CA LEU A 72 6.82 8.79 -0.85
C LEU A 72 7.64 8.16 -1.95
N VAL A 73 7.78 8.86 -3.07
CA VAL A 73 8.35 8.25 -4.27
C VAL A 73 9.70 8.80 -4.78
N HIS A 74 10.17 9.90 -4.20
CA HIS A 74 11.41 10.53 -4.67
C HIS A 74 12.64 9.62 -4.56
N PRO A 75 13.45 9.54 -5.64
CA PRO A 75 14.54 8.56 -5.75
C PRO A 75 15.55 8.57 -4.60
N ASP A 76 15.64 9.70 -3.88
CA ASP A 76 16.50 9.83 -2.70
C ASP A 76 16.28 8.75 -1.65
N PHE A 77 15.01 8.40 -1.42
CA PHE A 77 14.63 7.38 -0.45
C PHE A 77 14.86 5.96 -0.96
N PHE A 78 15.18 5.84 -2.26
CA PHE A 78 15.37 4.53 -2.88
C PHE A 78 16.80 4.24 -3.38
N SER A 79 17.74 5.08 -2.98
CA SER A 79 19.15 4.97 -3.37
C SER A 79 19.80 3.68 -2.90
N GLN A 80 19.28 3.10 -1.82
CA GLN A 80 19.86 1.88 -1.23
C GLN A 80 19.00 0.63 -1.49
N ARG A 81 18.01 0.76 -2.36
CA ARG A 81 17.02 -0.30 -2.57
C ARG A 81 17.22 -1.02 -3.90
N SER A 82 16.37 -2.00 -4.19
CA SER A 82 16.44 -2.78 -5.42
C SER A 82 16.37 -1.90 -6.67
N GLN A 83 16.87 -2.44 -7.77
CA GLN A 83 16.84 -1.75 -9.07
C GLN A 83 15.42 -1.55 -9.54
N THR A 84 14.58 -2.55 -9.31
CA THR A 84 13.16 -2.44 -9.65
C THR A 84 12.47 -1.27 -8.92
N GLU A 85 12.72 -1.13 -7.62
CA GLU A 85 12.13 -0.03 -6.86
C GLU A 85 12.70 1.31 -7.28
N LYS A 86 14.02 1.38 -7.48
CA LYS A 86 14.66 2.57 -8.06
C LYS A 86 13.98 3.00 -9.37
N ASP A 87 13.82 2.04 -10.29
CA ASP A 87 13.08 2.24 -11.53
C ASP A 87 11.75 2.92 -11.29
N PHE A 88 10.87 2.23 -10.55
CA PHE A 88 9.53 2.74 -10.32
C PHE A 88 9.50 4.04 -9.56
N SER A 89 10.44 4.22 -8.62
CA SER A 89 10.59 5.45 -7.85
C SER A 89 10.86 6.63 -8.77
N GLU A 90 11.74 6.41 -9.75
CA GLU A 90 12.03 7.38 -10.80
C GLU A 90 10.80 7.61 -11.70
N LYS A 91 10.15 6.52 -12.12
CA LYS A 91 8.98 6.68 -12.97
C LYS A 91 7.90 7.53 -12.29
N HIS A 92 7.40 7.08 -11.14
CA HIS A 92 6.46 7.83 -10.30
C HIS A 92 6.83 9.31 -10.15
N SER A 93 8.05 9.58 -9.67
CA SER A 93 8.51 10.95 -9.37
C SER A 93 8.47 11.89 -10.58
N THR A 94 8.84 11.35 -11.75
CA THR A 94 8.62 12.02 -13.03
C THR A 94 7.15 12.33 -13.26
N LEU A 95 6.27 11.34 -13.10
CA LEU A 95 4.84 11.58 -13.35
C LEU A 95 4.35 12.65 -12.40
N VAL A 96 4.70 12.53 -11.13
CA VAL A 96 4.29 13.50 -10.12
C VAL A 96 4.66 14.91 -10.56
N ASN A 97 5.89 15.07 -11.03
CA ASN A 97 6.32 16.36 -11.58
C ASN A 97 5.46 16.83 -12.73
N ASP A 98 5.17 15.94 -13.67
CA ASP A 98 4.38 16.31 -14.84
C ASP A 98 3.04 16.85 -14.40
N ALA A 99 2.23 15.99 -13.79
CA ALA A 99 0.97 16.39 -13.21
C ALA A 99 1.08 17.78 -12.53
N TYR A 100 1.97 17.89 -11.57
CA TYR A 100 2.04 19.14 -10.85
C TYR A 100 2.19 20.35 -11.78
N LYS A 101 3.27 20.38 -12.57
CA LYS A 101 3.50 21.46 -13.55
C LYS A 101 2.27 21.69 -14.43
N THR A 102 1.71 20.61 -14.98
CA THR A 102 0.55 20.67 -15.85
C THR A 102 -0.66 21.35 -15.18
N LEU A 103 -0.98 20.93 -13.96
CA LEU A 103 -2.17 21.47 -13.31
C LEU A 103 -1.96 22.88 -12.72
N LEU A 104 -0.71 23.22 -12.40
CA LEU A 104 -0.39 24.52 -11.77
C LEU A 104 -0.67 25.67 -12.71
N ALA A 105 -0.26 25.53 -13.97
CA ALA A 105 -0.46 26.55 -14.99
C ALA A 105 -1.87 26.48 -15.56
N PRO A 106 -2.66 27.56 -15.38
CA PRO A 106 -4.02 27.55 -15.96
C PRO A 106 -4.04 27.12 -17.42
N LEU A 107 -3.07 27.57 -18.21
CA LEU A 107 -3.03 27.24 -19.63
C LEU A 107 -2.90 25.74 -19.85
N SER A 108 -1.86 25.13 -19.30
CA SER A 108 -1.63 23.69 -19.52
C SER A 108 -2.76 22.89 -18.92
N ARG A 109 -3.33 23.40 -17.83
CA ARG A 109 -4.50 22.79 -17.24
C ARG A 109 -5.67 22.76 -18.22
N GLY A 110 -6.06 23.91 -18.74
CA GLY A 110 -7.04 23.96 -19.82
C GLY A 110 -6.79 22.94 -20.94
N LEU A 111 -5.60 22.95 -21.51
CA LEU A 111 -5.31 22.03 -22.60
C LEU A 111 -5.37 20.57 -22.18
N TYR A 112 -4.92 20.28 -20.96
CA TYR A 112 -4.97 18.90 -20.46
C TYR A 112 -6.40 18.49 -20.21
N LEU A 113 -7.19 19.42 -19.73
CA LEU A 113 -8.59 19.14 -19.47
C LEU A 113 -9.33 18.73 -20.75
N LEU A 114 -8.93 19.31 -21.88
CA LEU A 114 -9.50 19.00 -23.18
C LEU A 114 -9.09 17.62 -23.68
N LYS A 115 -7.85 17.23 -23.40
CA LYS A 115 -7.37 15.93 -23.87
C LYS A 115 -8.21 14.82 -23.29
N LEU A 116 -8.41 14.84 -21.96
CA LEU A 116 -9.26 13.84 -21.28
C LEU A 116 -10.66 13.83 -21.87
N HIS A 117 -11.17 15.00 -22.24
CA HIS A 117 -12.48 15.06 -22.85
C HIS A 117 -12.42 14.75 -24.33
N GLY A 118 -11.25 14.27 -24.75
CA GLY A 118 -11.08 13.61 -26.04
C GLY A 118 -10.97 14.58 -27.16
N ILE A 119 -10.34 15.72 -26.91
CA ILE A 119 -10.18 16.75 -27.92
C ILE A 119 -8.70 17.06 -28.07
N GLU A 120 -8.16 16.80 -29.25
CA GLU A 120 -6.76 17.09 -29.53
C GLU A 120 -6.62 18.48 -30.13
N ILE A 121 -5.51 19.15 -29.85
CA ILE A 121 -5.29 20.52 -30.29
C ILE A 121 -4.24 20.60 -31.40
N PRO A 122 -4.55 21.31 -32.49
CA PRO A 122 -3.57 21.56 -33.54
C PRO A 122 -2.55 22.57 -33.05
N GLU A 123 -1.31 22.47 -33.54
CA GLU A 123 -0.21 23.25 -32.99
C GLU A 123 -0.26 24.72 -33.40
N ARG A 124 -1.07 25.49 -32.67
CA ARG A 124 -1.22 26.93 -32.84
C ARG A 124 -1.54 27.30 -34.29
N THR A 125 -2.43 26.52 -34.92
CA THR A 125 -2.75 26.70 -36.34
C THR A 125 -3.25 28.11 -36.61
N ASP A 126 -2.41 28.87 -37.30
CA ASP A 126 -2.59 30.29 -37.53
C ASP A 126 -3.79 30.59 -38.44
N TYR A 127 -4.20 29.60 -39.23
CA TYR A 127 -5.28 29.81 -40.21
C TYR A 127 -6.68 29.58 -39.67
N GLU A 128 -6.84 28.56 -38.83
CA GLU A 128 -8.15 28.18 -38.32
C GLU A 128 -8.77 29.23 -37.39
N MSE A 129 -8.12 30.40 -37.31
CA MSE A 129 -8.54 31.48 -36.43
C MSE A 129 -9.48 32.47 -37.10
O MSE A 129 -9.50 32.58 -38.33
CB MSE A 129 -7.32 32.21 -35.87
CG MSE A 129 -7.57 32.94 -34.57
SE MSE A 129 -8.01 31.75 -33.09
CE MSE A 129 -9.97 31.79 -33.18
N ASP A 130 -10.26 33.19 -36.30
CA ASP A 130 -11.21 34.18 -36.82
C ASP A 130 -10.56 35.56 -37.00
N ARG A 131 -11.22 36.39 -37.80
CA ARG A 131 -10.69 37.67 -38.24
C ARG A 131 -10.40 38.68 -37.11
N GLN A 132 -11.43 39.00 -36.31
CA GLN A 132 -11.30 40.06 -35.31
C GLN A 132 -10.08 39.85 -34.43
N PHE A 133 -9.89 38.61 -34.01
CA PHE A 133 -8.79 38.24 -33.15
C PHE A 133 -7.47 38.45 -33.87
N LEU A 134 -7.37 37.95 -35.10
CA LEU A 134 -6.18 38.17 -35.93
C LEU A 134 -5.80 39.65 -35.93
N ILE A 135 -6.79 40.51 -36.15
CA ILE A 135 -6.59 41.96 -36.10
C ILE A 135 -5.96 42.40 -34.78
N GLU A 136 -6.51 41.94 -33.66
CA GLU A 136 -5.97 42.25 -32.34
C GLU A 136 -4.50 41.86 -32.25
N ILE A 137 -4.20 40.68 -32.79
CA ILE A 137 -2.86 40.08 -32.69
C ILE A 137 -1.80 40.88 -33.42
N MSE A 138 -2.15 41.40 -34.58
CA MSE A 138 -1.19 42.16 -35.35
C MSE A 138 -1.06 43.57 -34.80
O MSE A 138 -0.04 44.23 -34.99
CB MSE A 138 -1.53 42.12 -36.83
CG MSE A 138 -2.68 42.98 -37.23
SE MSE A 138 -2.62 43.09 -39.15
CE MSE A 138 -3.74 41.50 -39.52
N GLU A 139 -2.11 44.02 -34.13
CA GLU A 139 -2.09 45.29 -33.44
C GLU A 139 -1.16 45.25 -32.22
N ILE A 140 -1.32 44.22 -31.39
CA ILE A 140 -0.42 44.00 -30.27
C ILE A 140 1.03 43.91 -30.75
N ASN A 141 1.24 43.07 -31.76
CA ASN A 141 2.55 42.96 -32.43
C ASN A 141 3.17 44.32 -32.77
N GLU A 142 2.45 45.11 -33.57
CA GLU A 142 2.88 46.43 -33.95
C GLU A 142 3.26 47.22 -32.72
N LYS A 143 2.34 47.30 -31.76
CA LYS A 143 2.57 48.01 -30.51
C LYS A 143 3.87 47.58 -29.84
N LEU A 144 4.06 46.28 -29.65
CA LEU A 144 5.26 45.75 -29.02
C LEU A 144 6.52 46.11 -29.83
N ALA A 145 6.46 45.87 -31.14
CA ALA A 145 7.55 46.26 -32.03
C ALA A 145 7.86 47.74 -31.85
N GLU A 146 6.83 48.59 -31.82
CA GLU A 146 7.01 50.04 -31.64
C GLU A 146 7.45 50.36 -30.22
N ALA A 147 7.06 49.51 -29.27
CA ALA A 147 7.37 49.73 -27.87
C ALA A 147 8.87 49.67 -27.60
N GLU A 148 9.45 50.83 -27.32
CA GLU A 148 10.84 50.89 -26.88
C GLU A 148 10.91 51.57 -25.52
N SER A 149 10.05 52.57 -25.30
CA SER A 149 10.01 53.28 -24.02
C SER A 149 9.50 52.36 -22.90
N GLU A 150 9.96 52.60 -21.68
CA GLU A 150 9.58 51.76 -20.53
C GLU A 150 8.10 51.87 -20.16
N ALA A 151 7.48 52.99 -20.47
CA ALA A 151 6.07 53.16 -20.16
C ALA A 151 5.17 52.60 -21.26
N ALA A 152 5.52 52.83 -22.52
CA ALA A 152 4.83 52.19 -23.64
C ALA A 152 4.86 50.68 -23.45
N MSE A 153 5.88 50.20 -22.74
CA MSE A 153 6.02 48.81 -22.34
C MSE A 153 4.98 48.41 -21.31
O MSE A 153 4.48 47.30 -21.33
CB MSE A 153 7.41 48.58 -21.77
CG MSE A 153 7.84 47.11 -21.76
SE MSE A 153 8.12 46.44 -23.57
CE MSE A 153 9.80 47.39 -23.97
N LYS A 154 4.66 49.32 -20.39
CA LYS A 154 3.66 49.08 -19.37
C LYS A 154 2.27 48.92 -19.98
N GLU A 155 1.95 49.77 -20.96
CA GLU A 155 0.65 49.77 -21.60
C GLU A 155 0.35 48.41 -22.23
N ILE A 156 1.33 47.87 -22.94
CA ILE A 156 1.20 46.55 -23.54
C ILE A 156 0.93 45.51 -22.46
N GLU A 157 1.79 45.45 -21.45
CA GLU A 157 1.59 44.53 -20.33
C GLU A 157 0.15 44.57 -19.86
N SER A 158 -0.32 45.78 -19.52
CA SER A 158 -1.70 45.98 -19.11
C SER A 158 -2.63 45.35 -20.13
N ILE A 159 -2.59 45.85 -21.35
CA ILE A 159 -3.45 45.37 -22.44
C ILE A 159 -3.49 43.85 -22.49
N VAL A 160 -2.31 43.24 -22.50
CA VAL A 160 -2.14 41.79 -22.51
C VAL A 160 -2.74 41.10 -21.28
N LYS A 161 -2.54 41.69 -20.10
CA LYS A 161 -2.99 41.05 -18.86
C LYS A 161 -4.50 41.20 -18.67
N ALA A 162 -5.02 42.34 -19.13
CA ALA A 162 -6.45 42.59 -19.15
C ALA A 162 -7.17 41.56 -20.02
N LYS A 163 -6.57 41.21 -21.15
CA LYS A 163 -7.11 40.18 -22.03
C LYS A 163 -7.01 38.83 -21.34
N GLN A 164 -5.85 38.57 -20.71
CA GLN A 164 -5.62 37.29 -20.06
C GLN A 164 -6.69 36.98 -19.01
N LYS A 165 -7.07 37.99 -18.23
CA LYS A 165 -8.10 37.83 -17.22
C LYS A 165 -9.42 37.52 -17.89
N GLU A 166 -9.83 38.37 -18.82
CA GLU A 166 -11.05 38.15 -19.59
C GLU A 166 -11.10 36.70 -20.14
N PHE A 167 -9.99 36.22 -20.67
CA PHE A 167 -9.97 34.90 -21.26
C PHE A 167 -10.12 33.81 -20.22
N THR A 168 -9.47 33.97 -19.07
CA THR A 168 -9.57 33.00 -18.00
C THR A 168 -11.00 32.88 -17.52
N ASP A 169 -11.64 34.01 -17.23
CA ASP A 169 -13.07 34.04 -16.89
C ASP A 169 -13.87 33.27 -17.93
N ASN A 170 -13.60 33.54 -19.20
CA ASN A 170 -14.40 32.96 -20.28
C ASN A 170 -14.28 31.46 -20.35
N VAL A 171 -13.04 30.99 -20.35
CA VAL A 171 -12.77 29.56 -20.46
C VAL A 171 -13.27 28.83 -19.20
N SER A 172 -13.27 29.52 -18.06
CA SER A 172 -13.88 28.97 -16.85
C SER A 172 -15.35 28.65 -17.07
N SER A 173 -16.09 29.61 -17.62
CA SER A 173 -17.48 29.43 -18.01
C SER A 173 -17.64 28.30 -19.00
N ALA A 174 -16.76 28.25 -19.98
CA ALA A 174 -16.92 27.26 -21.02
C ALA A 174 -16.90 25.87 -20.38
N PHE A 175 -16.04 25.68 -19.37
CA PHE A 175 -15.97 24.39 -18.72
C PHE A 175 -17.20 24.13 -17.86
N GLU A 176 -17.51 25.07 -16.98
CA GLU A 176 -18.77 25.01 -16.24
C GLU A 176 -19.97 24.53 -17.09
N GLN A 177 -20.00 24.89 -18.38
CA GLN A 177 -21.12 24.47 -19.25
C GLN A 177 -20.76 23.26 -20.14
N ASP A 178 -19.62 22.63 -19.89
CA ASP A 178 -19.17 21.52 -20.75
C ASP A 178 -18.96 21.91 -22.23
N ASP A 179 -18.89 23.23 -22.50
CA ASP A 179 -18.74 23.74 -23.85
C ASP A 179 -17.27 23.69 -24.31
N PHE A 180 -16.80 22.50 -24.63
CA PHE A 180 -15.42 22.29 -25.02
C PHE A 180 -15.00 22.90 -26.35
N GLU A 181 -15.93 23.01 -27.29
CA GLU A 181 -15.59 23.65 -28.57
C GLU A 181 -15.27 25.11 -28.35
N GLU A 182 -16.02 25.75 -27.44
CA GLU A 182 -15.67 27.10 -27.01
C GLU A 182 -14.37 27.13 -26.23
N ALA A 183 -14.20 26.23 -25.27
CA ALA A 183 -12.99 26.25 -24.43
C ALA A 183 -11.75 26.09 -25.30
N LYS A 184 -11.85 25.27 -26.35
CA LYS A 184 -10.74 25.03 -27.25
C LYS A 184 -10.45 26.31 -27.98
N GLU A 185 -11.50 26.99 -28.40
CA GLU A 185 -11.32 28.29 -29.03
C GLU A 185 -10.49 29.20 -28.12
N ILE A 186 -11.03 29.56 -26.96
CA ILE A 186 -10.37 30.49 -26.06
C ILE A 186 -8.98 30.04 -25.66
N LEU A 187 -8.79 28.75 -25.39
CA LEU A 187 -7.46 28.27 -25.01
C LEU A 187 -6.46 28.45 -26.12
N THR A 188 -6.88 28.26 -27.38
CA THR A 188 -5.99 28.54 -28.50
C THR A 188 -5.60 30.01 -28.52
N LYS A 189 -6.47 30.87 -28.01
CA LYS A 189 -6.18 32.29 -27.94
C LYS A 189 -5.17 32.53 -26.85
N MSE A 190 -5.41 31.93 -25.70
CA MSE A 190 -4.53 32.15 -24.57
C MSE A 190 -3.09 31.72 -24.89
O MSE A 190 -2.14 32.26 -24.33
CB MSE A 190 -5.03 31.40 -23.35
CG MSE A 190 -6.23 32.05 -22.72
SE MSE A 190 -6.98 30.87 -21.33
CE MSE A 190 -5.33 30.42 -20.36
N ARG A 191 -2.96 30.78 -25.82
CA ARG A 191 -1.63 30.37 -26.23
C ARG A 191 -0.87 31.56 -26.86
N TYR A 192 -1.54 32.32 -27.74
CA TYR A 192 -0.98 33.52 -28.32
C TYR A 192 -0.46 34.49 -27.27
N PHE A 193 -1.34 34.88 -26.37
CA PHE A 193 -0.96 35.88 -25.39
C PHE A 193 0.17 35.43 -24.48
N SER A 194 0.28 34.13 -24.20
CA SER A 194 1.42 33.60 -23.43
C SER A 194 2.74 33.88 -24.10
N ASN A 195 2.83 33.54 -25.39
CA ASN A 195 3.98 33.93 -26.18
C ASN A 195 4.27 35.42 -26.05
N ILE A 196 3.28 36.25 -26.33
CA ILE A 196 3.48 37.68 -26.25
C ILE A 196 3.99 38.07 -24.89
N GLU A 197 3.49 37.39 -23.85
CA GLU A 197 3.92 37.68 -22.49
C GLU A 197 5.39 37.39 -22.33
N GLU A 198 5.80 36.25 -22.87
CA GLU A 198 7.16 35.77 -22.72
C GLU A 198 8.11 36.68 -23.47
N LYS A 199 7.67 37.17 -24.62
CA LYS A 199 8.47 38.09 -25.42
C LYS A 199 8.69 39.40 -24.69
N ILE A 200 7.66 39.86 -23.99
CA ILE A 200 7.75 41.07 -23.19
C ILE A 200 8.79 40.88 -22.09
N LYS A 201 8.67 39.78 -21.36
CA LYS A 201 9.61 39.43 -20.29
C LYS A 201 11.03 39.31 -20.81
N LEU A 202 11.18 38.66 -21.96
CA LEU A 202 12.49 38.59 -22.61
C LEU A 202 13.03 39.99 -22.96
N LYS A 203 12.17 40.88 -23.46
CA LYS A 203 12.53 42.26 -23.75
C LYS A 203 12.89 43.01 -22.45
N LYS A 204 12.26 42.60 -21.35
CA LYS A 204 12.44 43.26 -20.05
C LYS A 204 13.70 42.83 -19.28
N ILE A 205 14.52 41.98 -19.89
CA ILE A 205 15.69 41.42 -19.21
C ILE A 205 16.73 42.46 -18.80
N PRO A 206 17.21 43.29 -19.76
CA PRO A 206 18.27 44.28 -19.51
C PRO A 206 18.05 45.29 -18.37
N LEU A 207 16.86 45.39 -17.80
CA LEU A 207 16.67 46.31 -16.68
C LEU A 207 16.73 45.62 -15.32
N ARG B 12 -10.64 2.07 7.90
CA ARG B 12 -9.81 3.21 7.41
C ARG B 12 -8.36 3.12 7.91
N CYS B 13 -7.41 3.69 7.15
CA CYS B 13 -5.99 3.73 7.56
C CYS B 13 -5.77 4.78 8.66
N TRP B 14 -4.96 4.44 9.65
CA TRP B 14 -4.67 5.35 10.76
C TRP B 14 -3.82 6.54 10.32
N ASN B 15 -3.36 6.50 9.08
CA ASN B 15 -2.49 7.55 8.57
C ASN B 15 -3.17 8.41 7.50
N CYS B 16 -3.68 7.77 6.44
CA CYS B 16 -4.43 8.45 5.38
C CYS B 16 -5.90 8.52 5.75
N GLY B 17 -6.48 7.35 6.02
CA GLY B 17 -7.92 7.18 6.11
C GLY B 17 -8.44 6.47 4.88
N GLY B 18 -7.55 5.75 4.21
CA GLY B 18 -7.86 5.04 2.96
C GLY B 18 -8.76 3.84 3.18
N GLU B 25 -6.94 -10.97 1.93
CA GLU B 25 -7.03 -10.85 3.37
C GLU B 25 -5.82 -10.13 3.97
N ASP B 26 -4.65 -10.29 3.35
CA ASP B 26 -3.38 -9.79 3.90
C ASP B 26 -3.24 -8.27 3.87
N ARG B 27 -3.89 -7.58 4.82
CA ARG B 27 -3.89 -6.11 4.84
C ARG B 27 -2.88 -5.54 5.84
N PHE B 28 -1.60 -5.88 5.65
CA PHE B 28 -0.54 -5.41 6.56
C PHE B 28 -0.14 -3.95 6.35
N PHE B 29 -0.02 -3.54 5.10
CA PHE B 29 0.51 -2.21 4.78
C PHE B 29 -0.44 -1.36 3.96
N CYS B 30 -0.54 -0.08 4.30
CA CYS B 30 -1.45 0.83 3.62
C CYS B 30 -0.97 1.12 2.20
N PRO B 31 -1.80 0.76 1.19
CA PRO B 31 -1.36 0.86 -0.20
C PRO B 31 -1.12 2.29 -0.59
N GLN B 32 -1.64 3.20 0.22
CA GLN B 32 -1.60 4.62 -0.10
C GLN B 32 -0.37 5.28 0.49
N CYS B 33 0.03 4.84 1.68
CA CYS B 33 1.11 5.52 2.41
C CYS B 33 2.15 4.60 3.07
N ARG B 34 2.10 3.30 2.79
CA ARG B 34 3.12 2.34 3.21
C ARG B 34 3.12 2.00 4.71
N ALA B 35 2.21 2.62 5.46
CA ALA B 35 2.22 2.48 6.91
C ALA B 35 1.63 1.14 7.35
N LEU B 36 2.13 0.62 8.46
CA LEU B 36 1.67 -0.66 8.99
C LEU B 36 0.34 -0.51 9.72
N GLN B 37 -0.64 -1.30 9.31
CA GLN B 37 -1.98 -1.22 9.87
C GLN B 37 -2.14 -2.06 11.14
N ALA B 38 -3.20 -1.76 11.89
CA ALA B 38 -3.54 -2.54 13.09
C ALA B 38 -3.91 -3.97 12.71
N PRO B 39 -3.54 -4.95 13.55
CA PRO B 39 -3.95 -6.31 13.23
C PRO B 39 -5.46 -6.53 13.34
N ASP B 40 -6.00 -7.37 12.46
CA ASP B 40 -7.41 -7.73 12.51
C ASP B 40 -7.69 -8.70 13.67
N PRO B 41 -8.48 -8.26 14.66
CA PRO B 41 -8.84 -9.13 15.79
C PRO B 41 -9.65 -10.36 15.38
N THR B 42 -10.52 -10.21 14.38
CA THR B 42 -11.41 -11.31 13.94
C THR B 42 -10.69 -12.41 13.20
N ARG B 43 -9.58 -12.07 12.56
CA ARG B 43 -8.82 -13.03 11.76
C ARG B 43 -8.36 -14.22 12.61
N ASP B 44 -8.81 -15.42 12.24
CA ASP B 44 -8.45 -16.65 12.94
C ASP B 44 -7.04 -17.11 12.59
N TYR B 45 -6.50 -18.05 13.36
CA TYR B 45 -5.11 -18.50 13.20
C TYR B 45 -4.83 -19.22 11.87
N PHE B 46 -5.79 -19.99 11.36
CA PHE B 46 -5.62 -20.69 10.09
C PHE B 46 -5.48 -19.72 8.95
N SER B 47 -6.37 -18.71 8.94
CA SER B 47 -6.28 -17.59 8.01
C SER B 47 -4.94 -16.86 8.15
N LEU B 48 -4.57 -16.50 9.39
CA LEU B 48 -3.36 -15.74 9.66
C LEU B 48 -2.14 -16.49 9.13
N MSE B 49 -2.20 -17.82 9.29
CA MSE B 49 -1.13 -18.71 8.85
C MSE B 49 -1.37 -19.28 7.45
O MSE B 49 -0.65 -20.17 7.02
CB MSE B 49 -0.98 -19.83 9.87
CG MSE B 49 -0.55 -19.34 11.24
SE MSE B 49 1.27 -18.74 11.16
CE MSE B 49 1.11 -17.09 12.20
N ASP B 50 -2.38 -18.74 6.76
CA ASP B 50 -2.64 -19.06 5.35
C ASP B 50 -2.78 -20.56 5.05
N CYS B 51 -3.57 -21.25 5.88
CA CYS B 51 -3.88 -22.66 5.61
C CYS B 51 -5.31 -23.04 6.04
N ASN B 52 -5.81 -24.14 5.46
CA ASN B 52 -7.20 -24.54 5.64
C ASN B 52 -7.58 -24.88 7.07
N ARG B 53 -8.79 -24.47 7.46
CA ARG B 53 -9.38 -24.85 8.74
C ARG B 53 -9.49 -26.37 8.75
N SER B 54 -8.47 -27.01 9.31
CA SER B 54 -8.30 -28.46 9.24
C SER B 54 -7.24 -28.89 10.24
N PHE B 55 -7.41 -30.06 10.84
CA PHE B 55 -6.47 -30.54 11.83
C PHE B 55 -5.19 -31.06 11.19
N ARG B 56 -5.27 -31.40 9.91
CA ARG B 56 -4.12 -31.83 9.13
C ARG B 56 -3.37 -30.58 8.63
N VAL B 57 -2.16 -30.36 9.16
CA VAL B 57 -1.42 -29.13 8.89
C VAL B 57 0.03 -29.39 8.52
N ASP B 58 0.45 -28.80 7.41
CA ASP B 58 1.82 -28.89 6.94
C ASP B 58 2.73 -27.99 7.79
N THR B 59 3.49 -28.60 8.69
CA THR B 59 4.32 -27.82 9.62
C THR B 59 5.54 -27.19 8.95
N ALA B 60 5.95 -27.73 7.81
CA ALA B 60 7.01 -27.12 7.03
C ALA B 60 6.49 -25.81 6.44
N LYS B 61 5.29 -25.85 5.86
CA LYS B 61 4.61 -24.66 5.37
C LYS B 61 4.35 -23.65 6.47
N LEU B 62 3.89 -24.15 7.61
CA LEU B 62 3.60 -23.31 8.78
C LEU B 62 4.84 -22.52 9.19
N GLN B 63 5.95 -23.22 9.37
CA GLN B 63 7.22 -22.60 9.76
C GLN B 63 7.58 -21.49 8.77
N HIS B 64 7.47 -21.82 7.49
CA HIS B 64 7.82 -20.89 6.43
C HIS B 64 6.96 -19.63 6.52
N ARG B 65 5.65 -19.82 6.53
CA ARG B 65 4.70 -18.73 6.68
C ARG B 65 5.03 -17.85 7.88
N TYR B 66 5.19 -18.47 9.03
CA TYR B 66 5.65 -17.77 10.21
C TYR B 66 6.78 -16.80 9.84
N GLN B 67 7.86 -17.33 9.27
CA GLN B 67 9.00 -16.52 8.82
C GLN B 67 8.59 -15.36 7.92
N GLN B 68 7.77 -15.63 6.89
CA GLN B 68 7.27 -14.58 6.00
C GLN B 68 6.76 -13.40 6.82
N LEU B 69 5.81 -13.68 7.71
CA LEU B 69 5.13 -12.65 8.49
C LEU B 69 6.05 -11.94 9.48
N GLN B 70 6.91 -12.71 10.13
CA GLN B 70 7.87 -12.13 11.06
C GLN B 70 8.87 -11.20 10.35
N ARG B 71 9.15 -11.48 9.08
CA ARG B 71 10.00 -10.61 8.25
C ARG B 71 9.30 -9.26 8.01
N LEU B 72 7.98 -9.27 8.01
CA LEU B 72 7.20 -8.07 7.72
C LEU B 72 6.95 -7.20 8.94
N VAL B 73 6.74 -7.82 10.11
CA VAL B 73 6.21 -7.13 11.30
C VAL B 73 7.08 -7.09 12.58
N HIS B 74 8.14 -7.91 12.66
CA HIS B 74 8.98 -8.01 13.88
C HIS B 74 9.59 -6.66 14.30
N PRO B 75 9.46 -6.31 15.60
CA PRO B 75 9.84 -4.97 16.12
C PRO B 75 11.26 -4.46 15.81
N ASP B 76 12.18 -5.38 15.51
CA ASP B 76 13.54 -5.03 15.06
C ASP B 76 13.56 -4.01 13.94
N PHE B 77 12.66 -4.21 12.97
CA PHE B 77 12.60 -3.39 11.75
C PHE B 77 11.91 -2.04 11.98
N PHE B 78 11.40 -1.83 13.19
CA PHE B 78 10.64 -0.63 13.53
C PHE B 78 11.22 0.15 14.71
N SER B 79 12.44 -0.21 15.10
CA SER B 79 13.16 0.47 16.19
C SER B 79 13.46 1.96 15.91
N GLN B 80 13.42 2.33 14.63
CA GLN B 80 13.65 3.72 14.18
C GLN B 80 12.38 4.37 13.63
N ARG B 81 11.23 3.81 13.98
CA ARG B 81 9.94 4.27 13.47
C ARG B 81 9.06 4.90 14.53
N SER B 82 7.93 5.46 14.09
CA SER B 82 6.96 6.11 14.97
C SER B 82 6.48 5.15 16.07
N GLN B 83 6.03 5.72 17.19
CA GLN B 83 5.53 4.92 18.31
C GLN B 83 4.30 4.12 17.91
N THR B 84 3.50 4.70 17.01
CA THR B 84 2.37 4.00 16.41
C THR B 84 2.83 2.71 15.73
N GLU B 85 3.85 2.82 14.88
CA GLU B 85 4.33 1.67 14.12
C GLU B 85 4.95 0.60 15.01
N LYS B 86 5.63 1.02 16.09
CA LYS B 86 6.18 0.09 17.07
C LYS B 86 5.08 -0.70 17.77
N ASP B 87 4.06 0.01 18.26
CA ASP B 87 2.87 -0.59 18.87
C ASP B 87 2.31 -1.75 18.07
N PHE B 88 1.97 -1.51 16.81
CA PHE B 88 1.36 -2.54 15.96
C PHE B 88 2.37 -3.62 15.63
N SER B 89 3.63 -3.21 15.44
CA SER B 89 4.74 -4.10 15.16
C SER B 89 4.92 -5.11 16.26
N GLU B 90 4.74 -4.65 17.50
CA GLU B 90 4.75 -5.50 18.68
C GLU B 90 3.47 -6.35 18.72
N LYS B 91 2.35 -5.75 18.34
CA LYS B 91 1.05 -6.42 18.40
C LYS B 91 0.87 -7.51 17.35
N HIS B 92 1.30 -7.22 16.13
CA HIS B 92 1.25 -8.21 15.06
C HIS B 92 2.12 -9.41 15.41
N SER B 93 3.36 -9.14 15.83
CA SER B 93 4.34 -10.18 16.15
C SER B 93 3.84 -11.15 17.20
N THR B 94 3.23 -10.61 18.24
CA THR B 94 2.60 -11.39 19.30
C THR B 94 1.52 -12.31 18.73
N LEU B 95 0.65 -11.75 17.89
CA LEU B 95 -0.44 -12.51 17.27
C LEU B 95 0.10 -13.60 16.35
N VAL B 96 1.15 -13.27 15.61
CA VAL B 96 1.83 -14.23 14.77
C VAL B 96 2.39 -15.36 15.64
N ASN B 97 3.10 -15.00 16.71
CA ASN B 97 3.65 -15.97 17.63
C ASN B 97 2.58 -16.87 18.24
N ASP B 98 1.43 -16.29 18.55
CA ASP B 98 0.32 -17.06 19.10
C ASP B 98 -0.21 -18.08 18.11
N ALA B 99 -0.55 -17.63 16.91
CA ALA B 99 -1.06 -18.51 15.88
C ALA B 99 -0.12 -19.70 15.67
N TYR B 100 1.13 -19.41 15.35
CA TYR B 100 2.14 -20.43 15.08
C TYR B 100 2.15 -21.51 16.18
N LYS B 101 2.44 -21.09 17.40
CA LYS B 101 2.54 -22.01 18.53
C LYS B 101 1.27 -22.88 18.63
N THR B 102 0.11 -22.23 18.55
CA THR B 102 -1.16 -22.94 18.68
C THR B 102 -1.39 -23.99 17.59
N LEU B 103 -1.14 -23.64 16.34
CA LEU B 103 -1.34 -24.59 15.23
C LEU B 103 -0.24 -25.66 15.16
N LEU B 104 0.95 -25.31 15.67
CA LEU B 104 2.08 -26.21 15.58
C LEU B 104 1.81 -27.50 16.35
N ALA B 105 1.71 -27.39 17.69
CA ALA B 105 1.41 -28.52 18.57
C ALA B 105 0.01 -29.08 18.29
N PRO B 106 -0.05 -30.38 17.91
CA PRO B 106 -1.32 -31.04 17.59
C PRO B 106 -2.38 -30.75 18.63
N LEU B 107 -2.00 -30.84 19.91
CA LEU B 107 -2.93 -30.64 21.01
C LEU B 107 -3.63 -29.29 20.95
N SER B 108 -2.86 -28.22 21.15
CA SER B 108 -3.38 -26.87 21.10
C SER B 108 -4.15 -26.60 19.81
N ARG B 109 -3.84 -27.40 18.79
CA ARG B 109 -4.47 -27.28 17.49
C ARG B 109 -5.92 -27.79 17.52
N GLY B 110 -6.10 -29.03 18.00
CA GLY B 110 -7.44 -29.64 18.09
C GLY B 110 -8.41 -28.86 18.96
N LEU B 111 -7.87 -28.26 20.03
CA LEU B 111 -8.67 -27.46 20.95
C LEU B 111 -9.09 -26.13 20.34
N TYR B 112 -8.14 -25.44 19.70
CA TYR B 112 -8.48 -24.22 18.98
C TYR B 112 -9.50 -24.52 17.90
N LEU B 113 -9.31 -25.66 17.23
CA LEU B 113 -10.20 -26.07 16.15
C LEU B 113 -11.66 -26.20 16.61
N LEU B 114 -11.84 -26.54 17.89
CA LEU B 114 -13.17 -26.61 18.51
C LEU B 114 -13.78 -25.22 18.70
N LYS B 115 -13.08 -24.32 19.40
CA LYS B 115 -13.53 -22.93 19.59
C LYS B 115 -13.93 -22.27 18.28
N GLU B 128 -12.19 -38.80 35.00
CA GLU B 128 -12.79 -40.08 34.62
C GLU B 128 -12.20 -40.62 33.32
N MSE B 129 -11.44 -41.70 33.43
CA MSE B 129 -10.65 -42.26 32.34
C MSE B 129 -10.80 -43.79 32.31
O MSE B 129 -11.40 -44.37 33.21
CB MSE B 129 -9.19 -41.84 32.54
CG MSE B 129 -8.25 -42.03 31.34
SE MSE B 129 -8.47 -40.73 29.87
CE MSE B 129 -9.80 -41.71 28.80
N ASP B 130 -10.26 -44.45 31.29
CA ASP B 130 -10.26 -45.92 31.26
C ASP B 130 -9.02 -46.49 31.95
N ARG B 131 -9.09 -47.79 32.29
CA ARG B 131 -8.11 -48.47 33.12
C ARG B 131 -6.68 -48.49 32.55
N GLN B 132 -6.52 -49.17 31.42
CA GLN B 132 -5.20 -49.43 30.80
C GLN B 132 -4.34 -48.17 30.68
N PHE B 133 -4.97 -47.06 30.31
CA PHE B 133 -4.30 -45.77 30.20
C PHE B 133 -3.79 -45.32 31.56
N LEU B 134 -4.68 -45.27 32.55
CA LEU B 134 -4.29 -44.92 33.91
C LEU B 134 -3.03 -45.66 34.37
N ILE B 135 -2.97 -46.97 34.07
CA ILE B 135 -1.81 -47.80 34.38
C ILE B 135 -0.51 -47.25 33.74
N GLU B 136 -0.58 -46.91 32.45
CA GLU B 136 0.57 -46.37 31.72
C GLU B 136 1.05 -45.07 32.33
N ILE B 137 0.11 -44.18 32.64
CA ILE B 137 0.43 -42.88 33.22
C ILE B 137 1.30 -42.99 34.48
N MSE B 138 0.85 -43.76 35.47
CA MSE B 138 1.55 -43.85 36.75
C MSE B 138 2.88 -44.57 36.60
O MSE B 138 3.82 -44.32 37.34
CB MSE B 138 0.67 -44.48 37.84
CG MSE B 138 0.54 -45.98 37.82
SE MSE B 138 -0.63 -46.55 39.28
CE MSE B 138 -2.32 -46.39 38.35
N GLU B 139 2.93 -45.47 35.62
CA GLU B 139 4.17 -46.13 35.24
C GLU B 139 5.19 -45.09 34.77
N ILE B 140 4.77 -44.20 33.85
CA ILE B 140 5.61 -43.07 33.42
C ILE B 140 6.08 -42.26 34.62
N ASN B 141 5.14 -41.69 35.38
CA ASN B 141 5.43 -40.97 36.62
C ASN B 141 6.51 -41.64 37.45
N GLU B 142 6.41 -42.96 37.58
CA GLU B 142 7.35 -43.72 38.37
C GLU B 142 8.69 -43.67 37.69
N LYS B 143 8.70 -43.87 36.38
CA LYS B 143 9.94 -43.77 35.62
C LYS B 143 10.58 -42.40 35.83
N LEU B 144 9.84 -41.34 35.48
CA LEU B 144 10.32 -39.97 35.71
C LEU B 144 10.83 -39.76 37.13
N ALA B 145 10.06 -40.21 38.12
CA ALA B 145 10.45 -40.11 39.52
C ALA B 145 11.76 -40.84 39.78
N GLU B 146 11.89 -42.03 39.20
CA GLU B 146 13.11 -42.82 39.38
C GLU B 146 14.21 -42.29 38.47
N ALA B 147 13.81 -41.65 37.37
CA ALA B 147 14.78 -41.14 36.40
C ALA B 147 15.60 -40.07 37.07
N GLU B 148 16.88 -40.38 37.24
CA GLU B 148 17.82 -39.47 37.86
C GLU B 148 19.17 -39.52 37.12
N SER B 149 19.20 -40.22 35.99
CA SER B 149 20.37 -40.21 35.10
C SER B 149 19.97 -39.63 33.74
N GLU B 150 20.93 -39.03 33.03
CA GLU B 150 20.64 -38.33 31.77
C GLU B 150 20.20 -39.23 30.62
N ALA B 151 20.54 -40.51 30.70
CA ALA B 151 20.07 -41.46 29.71
C ALA B 151 18.67 -41.96 30.05
N ALA B 152 18.42 -42.20 31.34
CA ALA B 152 17.08 -42.57 31.83
C ALA B 152 16.09 -41.48 31.48
N MSE B 153 16.60 -40.25 31.41
CA MSE B 153 15.83 -39.09 31.01
C MSE B 153 15.47 -39.15 29.52
O MSE B 153 14.35 -38.81 29.14
CB MSE B 153 16.60 -37.83 31.34
CG MSE B 153 15.71 -36.64 31.59
SE MSE B 153 14.58 -36.90 33.15
CE MSE B 153 15.88 -36.44 34.52
N LYS B 154 16.43 -39.57 28.69
CA LYS B 154 16.22 -39.71 27.24
C LYS B 154 15.20 -40.78 26.90
N GLU B 155 15.24 -41.91 27.62
CA GLU B 155 14.30 -43.00 27.41
C GLU B 155 12.87 -42.49 27.56
N ILE B 156 12.64 -41.73 28.63
CA ILE B 156 11.33 -41.20 28.93
C ILE B 156 10.86 -40.26 27.82
N GLU B 157 11.70 -39.29 27.47
CA GLU B 157 11.42 -38.41 26.34
C GLU B 157 10.93 -39.23 25.15
N SER B 158 11.70 -40.26 24.77
CA SER B 158 11.33 -41.17 23.68
C SER B 158 9.97 -41.81 23.90
N ILE B 159 9.77 -42.43 25.06
CA ILE B 159 8.52 -43.11 25.35
C ILE B 159 7.33 -42.16 25.21
N VAL B 160 7.43 -40.97 25.80
CA VAL B 160 6.36 -39.97 25.77
C VAL B 160 6.09 -39.47 24.35
N LYS B 161 7.15 -39.24 23.59
CA LYS B 161 7.00 -38.75 22.23
C LYS B 161 6.52 -39.86 21.28
N ALA B 162 6.92 -41.10 21.56
CA ALA B 162 6.42 -42.27 20.85
C ALA B 162 4.90 -42.37 20.94
N LYS B 163 4.37 -42.15 22.14
CA LYS B 163 2.92 -42.18 22.37
C LYS B 163 2.25 -40.99 21.72
N GLN B 164 2.90 -39.84 21.82
CA GLN B 164 2.35 -38.60 21.26
C GLN B 164 2.13 -38.69 19.76
N LYS B 165 3.09 -39.28 19.04
CA LYS B 165 2.98 -39.47 17.59
C LYS B 165 1.82 -40.42 17.29
N GLU B 166 1.73 -41.50 18.07
CA GLU B 166 0.65 -42.46 17.96
C GLU B 166 -0.72 -41.80 18.17
N PHE B 167 -0.80 -40.89 19.13
CA PHE B 167 -2.04 -40.18 19.43
C PHE B 167 -2.42 -39.18 18.35
N THR B 168 -1.45 -38.42 17.87
CA THR B 168 -1.69 -37.47 16.79
C THR B 168 -2.25 -38.25 15.59
N ASP B 169 -1.55 -39.33 15.22
CA ASP B 169 -2.00 -40.21 14.14
C ASP B 169 -3.46 -40.61 14.30
N ASN B 170 -3.83 -40.99 15.53
CA ASN B 170 -5.19 -41.43 15.82
C ASN B 170 -6.19 -40.29 15.77
N VAL B 171 -5.85 -39.17 16.41
CA VAL B 171 -6.75 -38.02 16.49
C VAL B 171 -6.92 -37.33 15.12
N SER B 172 -5.99 -37.57 14.20
CA SER B 172 -6.15 -37.13 12.82
C SER B 172 -7.25 -37.93 12.11
N SER B 173 -7.22 -39.25 12.30
CA SER B 173 -8.24 -40.14 11.74
C SER B 173 -9.62 -39.85 12.32
N ALA B 174 -9.65 -39.50 13.61
CA ALA B 174 -10.89 -39.19 14.31
C ALA B 174 -11.59 -37.95 13.74
N PHE B 175 -10.81 -36.97 13.29
CA PHE B 175 -11.35 -35.79 12.60
C PHE B 175 -11.82 -36.13 11.18
N GLU B 176 -10.98 -36.85 10.44
CA GLU B 176 -11.30 -37.31 9.08
C GLU B 176 -12.62 -38.08 9.03
N GLN B 177 -12.89 -38.84 10.09
CA GLN B 177 -14.13 -39.61 10.18
C GLN B 177 -15.19 -38.88 11.03
N ASP B 178 -14.91 -37.61 11.35
CA ASP B 178 -15.80 -36.76 12.18
C ASP B 178 -16.10 -37.31 13.57
N ASP B 179 -15.35 -38.33 13.98
CA ASP B 179 -15.59 -39.01 15.25
C ASP B 179 -15.08 -38.20 16.44
N PHE B 180 -15.88 -37.20 16.84
CA PHE B 180 -15.48 -36.24 17.86
C PHE B 180 -15.47 -36.82 19.29
N GLU B 181 -16.27 -37.85 19.53
CA GLU B 181 -16.20 -38.55 20.80
C GLU B 181 -14.90 -39.32 20.93
N GLU B 182 -14.41 -39.82 19.80
CA GLU B 182 -13.08 -40.43 19.74
C GLU B 182 -12.02 -39.33 19.81
N ALA B 183 -12.23 -38.26 19.06
CA ALA B 183 -11.32 -37.12 19.05
C ALA B 183 -11.19 -36.46 20.43
N LYS B 184 -12.30 -36.29 21.13
CA LYS B 184 -12.28 -35.76 22.49
C LYS B 184 -11.47 -36.67 23.44
N GLU B 185 -11.66 -37.98 23.33
CA GLU B 185 -10.96 -38.95 24.19
C GLU B 185 -9.44 -38.84 24.00
N ILE B 186 -9.00 -38.87 22.74
CA ILE B 186 -7.57 -38.79 22.43
C ILE B 186 -6.98 -37.46 22.87
N LEU B 187 -7.75 -36.37 22.71
CA LEU B 187 -7.26 -35.05 23.09
C LEU B 187 -7.15 -34.86 24.60
N THR B 188 -8.02 -35.55 25.34
CA THR B 188 -7.93 -35.51 26.79
C THR B 188 -6.75 -36.36 27.28
N LYS B 189 -6.47 -37.45 26.56
CA LYS B 189 -5.27 -38.26 26.81
C LYS B 189 -4.03 -37.44 26.55
N MSE B 190 -3.98 -36.82 25.38
CA MSE B 190 -2.85 -36.02 24.96
C MSE B 190 -2.56 -34.87 25.92
O MSE B 190 -1.41 -34.44 26.07
CB MSE B 190 -3.08 -35.49 23.54
CG MSE B 190 -2.85 -36.54 22.46
SE MSE B 190 -3.01 -35.90 20.60
CE MSE B 190 -1.94 -34.26 20.73
N ARG B 191 -3.61 -34.40 26.61
CA ARG B 191 -3.48 -33.38 27.63
C ARG B 191 -2.57 -33.83 28.77
N TYR B 192 -2.72 -35.09 29.20
CA TYR B 192 -1.87 -35.65 30.25
C TYR B 192 -0.40 -35.60 29.86
N PHE B 193 -0.06 -36.25 28.76
CA PHE B 193 1.31 -36.30 28.27
C PHE B 193 1.96 -34.93 28.14
N SER B 194 1.17 -33.92 27.80
CA SER B 194 1.68 -32.55 27.78
C SER B 194 2.26 -32.19 29.13
N ASN B 195 1.48 -32.42 30.18
CA ASN B 195 1.94 -32.13 31.54
C ASN B 195 3.25 -32.83 31.82
N ILE B 196 3.26 -34.14 31.55
CA ILE B 196 4.47 -34.94 31.66
C ILE B 196 5.62 -34.31 30.89
N GLU B 197 5.36 -33.91 29.64
CA GLU B 197 6.38 -33.26 28.81
C GLU B 197 6.93 -32.05 29.52
N GLU B 198 6.05 -31.30 30.17
CA GLU B 198 6.45 -30.07 30.84
C GLU B 198 7.24 -30.40 32.09
N LYS B 199 6.89 -31.52 32.73
CA LYS B 199 7.58 -31.99 33.92
C LYS B 199 8.99 -32.47 33.61
N ILE B 200 9.14 -33.07 32.43
CA ILE B 200 10.44 -33.45 31.92
C ILE B 200 11.25 -32.19 31.66
N LYS B 201 10.70 -31.30 30.85
CA LYS B 201 11.35 -30.04 30.50
C LYS B 201 11.71 -29.24 31.74
N LEU B 202 10.86 -29.30 32.76
CA LEU B 202 11.15 -28.60 34.01
C LEU B 202 12.35 -29.19 34.71
N LYS B 203 12.39 -30.53 34.76
CA LYS B 203 13.51 -31.25 35.34
C LYS B 203 14.81 -31.02 34.56
N LYS B 204 14.69 -30.80 33.26
CA LYS B 204 15.84 -30.65 32.37
C LYS B 204 16.54 -29.30 32.46
N ILE B 205 15.95 -28.37 33.22
CA ILE B 205 16.45 -26.99 33.30
C ILE B 205 17.93 -26.90 33.75
N PRO B 206 18.27 -27.52 34.90
CA PRO B 206 19.66 -27.44 35.40
C PRO B 206 20.67 -28.11 34.46
ZN ZN C . 3.52 -7.38 -3.12
S SO4 D . -15.27 23.42 -14.14
O1 SO4 D . -15.32 22.94 -12.77
O2 SO4 D . -16.45 22.95 -14.85
O3 SO4 D . -15.23 24.89 -14.18
O4 SO4 D . -14.06 22.89 -14.77
ZN ZN E . -2.17 5.29 4.97
#